data_5R5S
#
_entry.id   5R5S
#
_cell.length_a   49.563
_cell.length_b   52.269
_cell.length_c   101.520
_cell.angle_alpha   90.000
_cell.angle_beta   90.000
_cell.angle_gamma   90.000
#
_symmetry.space_group_name_H-M   'P 21 21 21'
#
loop_
_entity.id
_entity.type
_entity.pdbx_description
1 polymer 'Uridine diphosphate glucose pyrophosphatase NUDT22'
2 non-polymer 2-methyl-N-(pyridin-4-yl)furan-3-carboxamide
3 non-polymer 'DIMETHYL SULFOXIDE'
4 water water
#
_entity_poly.entity_id   1
_entity_poly.type   'polypeptide(L)'
_entity_poly.pdbx_seq_one_letter_code
;SMDPEVTLLLQCPGGGLPQEQIQAELSPAHDRRPLPGGDEAITAIWETRLKAQPWLFDAPKFRLHSATLAPIGSRGPQLL
LRLGLTSYRDFLGTNWSSSAAWLRQQGATDWGDTQAYLADPLGVGAALATADDFLVFLRRSRQVAEAPGLVDVPGGHPEP
QALCPGGSPQHQDLAGQLVVHELFSSVLQEICDEVNLPLLTLSQPLLLGIARNETSAGRASAEFYVQCSLTSEQVRKHYL
SGGPEAHESTGIFFVETQNVRRLPETEMWAELCPSAKGAIILYNRVQGSPTGAALGSPALLPPL
;
_entity_poly.pdbx_strand_id   A
#
# COMPACT_ATOMS: atom_id res chain seq x y z
N ASP A 3 8.81 -7.46 13.65
N ASP A 3 7.83 -6.72 14.12
CA ASP A 3 8.84 -6.87 12.28
CA ASP A 3 8.64 -6.78 12.88
C ASP A 3 9.12 -5.39 12.38
C ASP A 3 9.08 -5.36 12.53
N PRO A 4 10.38 -4.99 12.68
CA PRO A 4 10.74 -3.58 12.70
C PRO A 4 10.60 -2.87 11.36
N GLU A 5 10.48 -3.58 10.22
CA GLU A 5 10.43 -2.83 8.95
C GLU A 5 8.99 -2.42 8.62
N VAL A 6 7.98 -2.80 9.40
CA VAL A 6 6.58 -2.30 9.19
C VAL A 6 5.93 -1.82 10.49
N THR A 7 5.30 -0.64 10.46
CA THR A 7 4.52 -0.04 11.58
C THR A 7 3.10 0.22 11.09
N LEU A 8 2.07 -0.06 11.90
CA LEU A 8 0.67 0.24 11.53
C LEU A 8 0.36 1.69 11.91
N LEU A 9 -0.10 2.50 10.96
CA LEU A 9 -0.56 3.87 11.24
C LEU A 9 -2.07 3.86 11.55
N LEU A 10 -2.82 2.98 10.91
CA LEU A 10 -4.32 2.95 11.02
C LEU A 10 -4.79 1.51 10.89
N GLN A 11 -5.67 1.06 11.79
CA GLN A 11 -6.49 -0.19 11.65
C GLN A 11 -7.97 0.23 11.51
N CYS A 12 -8.65 -0.09 10.44
CA CYS A 12 -10.06 0.34 10.24
C CYS A 12 -11.01 -0.52 11.07
N PRO A 13 -12.12 0.09 11.51
CA PRO A 13 -13.18 -0.65 12.20
C PRO A 13 -14.14 -1.32 11.22
N GLY A 14 -15.05 -2.12 11.77
CA GLY A 14 -16.20 -2.66 11.04
C GLY A 14 -15.86 -3.73 10.01
N GLY A 15 -14.65 -4.29 10.03
CA GLY A 15 -14.20 -5.24 9.00
C GLY A 15 -13.59 -4.51 7.80
N GLY A 16 -13.50 -3.18 7.85
CA GLY A 16 -12.91 -2.34 6.77
C GLY A 16 -13.91 -1.33 6.26
N LEU A 17 -13.43 -0.18 5.82
CA LEU A 17 -14.33 0.93 5.38
C LEU A 17 -14.55 0.99 3.87
N PRO A 18 -15.83 1.15 3.46
CA PRO A 18 -16.13 1.43 2.06
C PRO A 18 -15.83 2.89 1.67
N GLN A 19 -15.72 3.14 0.35
CA GLN A 19 -15.45 4.47 -0.22
C GLN A 19 -16.37 5.56 0.37
N GLU A 20 -17.65 5.23 0.58
CA GLU A 20 -18.67 6.24 0.97
C GLU A 20 -18.42 6.74 2.39
N GLN A 21 -17.61 6.03 3.20
CA GLN A 21 -17.36 6.41 4.60
C GLN A 21 -16.03 7.15 4.79
N ILE A 22 -15.35 7.56 3.73
CA ILE A 22 -14.03 8.23 3.84
C ILE A 22 -14.09 9.62 3.19
N GLN A 23 -13.58 10.59 3.94
CA GLN A 23 -13.37 11.99 3.50
C GLN A 23 -11.88 12.22 3.20
N ALA A 24 -11.54 12.99 2.17
CA ALA A 24 -10.14 13.46 1.97
C ALA A 24 -10.11 14.99 2.05
N GLU A 25 -9.02 15.52 2.58
CA GLU A 25 -8.67 16.95 2.59
C GLU A 25 -7.34 17.02 1.82
N LEU A 26 -7.39 17.53 0.58
CA LEU A 26 -6.19 17.68 -0.29
C LEU A 26 -5.77 19.15 -0.25
N SER A 27 -4.64 19.46 0.40
CA SER A 27 -4.26 20.85 0.77
C SER A 27 -2.74 21.01 0.65
N PRO A 28 -2.23 22.16 0.12
CA PRO A 28 -0.78 22.41 0.14
C PRO A 28 -0.19 22.53 1.57
N ALA A 29 -1.01 22.67 2.64
CA ALA A 29 -0.55 22.58 4.05
C ALA A 29 -0.04 21.16 4.38
N HIS A 30 -0.36 20.15 3.54
CA HIS A 30 -0.05 18.71 3.75
C HIS A 30 1.16 18.28 2.89
N ASP A 31 1.79 19.26 2.22
CA ASP A 31 2.98 19.00 1.36
C ASP A 31 4.22 18.78 2.22
N ARG A 32 5.26 18.18 1.63
CA ARG A 32 6.64 18.20 2.20
C ARG A 32 7.11 19.65 2.43
N ARG A 33 7.90 19.84 3.46
CA ARG A 33 8.57 21.15 3.75
C ARG A 33 9.82 21.22 2.88
N PRO A 34 10.15 22.42 2.34
CA PRO A 34 11.41 22.58 1.61
C PRO A 34 12.61 22.15 2.47
N LEU A 35 13.64 21.54 1.87
CA LEU A 35 14.80 21.00 2.64
C LEU A 35 15.59 22.16 3.27
N PRO A 36 16.22 21.93 4.43
CA PRO A 36 16.93 23.01 5.16
C PRO A 36 17.90 23.90 4.34
N GLY A 37 18.68 23.26 3.46
CA GLY A 37 19.70 23.91 2.61
C GLY A 37 19.18 24.07 1.18
N GLY A 38 17.87 23.84 0.99
CA GLY A 38 17.13 24.10 -0.25
C GLY A 38 16.89 22.80 -1.02
N ASP A 39 15.90 22.82 -1.91
CA ASP A 39 15.50 21.66 -2.76
C ASP A 39 16.51 21.44 -3.90
N GLU A 40 17.54 22.30 -4.03
CA GLU A 40 18.65 22.03 -4.98
C GLU A 40 19.28 20.64 -4.81
N ALA A 41 19.31 20.05 -3.61
CA ALA A 41 19.85 18.70 -3.36
C ALA A 41 19.00 17.65 -4.12
N ILE A 42 17.71 17.85 -4.27
CA ILE A 42 16.79 16.91 -4.99
C ILE A 42 17.05 17.02 -6.49
N THR A 43 17.13 18.24 -6.99
CA THR A 43 17.43 18.55 -8.39
C THR A 43 18.76 17.91 -8.80
N ALA A 44 19.81 17.99 -7.96
CA ALA A 44 21.16 17.42 -8.25
C ALA A 44 21.07 15.88 -8.43
N ILE A 45 20.37 15.18 -7.53
CA ILE A 45 20.20 13.70 -7.57
C ILE A 45 19.47 13.34 -8.87
N TRP A 46 18.43 14.11 -9.21
CA TRP A 46 17.58 13.84 -10.40
C TRP A 46 18.45 13.99 -11.67
N GLU A 47 19.20 15.08 -11.75
CA GLU A 47 20.09 15.34 -12.92
C GLU A 47 21.07 14.20 -13.13
N THR A 48 21.74 13.74 -12.05
CA THR A 48 22.71 12.63 -12.06
C THR A 48 22.00 11.39 -12.63
N ARG A 49 20.77 11.14 -12.15
CA ARG A 49 19.98 9.94 -12.54
C ARG A 49 19.65 10.05 -14.03
N LEU A 50 19.11 11.17 -14.50
CA LEU A 50 18.70 11.33 -15.92
C LEU A 50 19.91 11.24 -16.84
N LYS A 51 21.09 11.66 -16.40
CA LYS A 51 22.30 11.62 -17.26
C LYS A 51 22.81 10.17 -17.47
N ALA A 52 22.36 9.19 -16.69
CA ALA A 52 22.62 7.74 -16.86
C ALA A 52 21.40 7.03 -17.48
N GLN A 53 20.19 7.47 -17.18
CA GLN A 53 18.93 6.79 -17.62
C GLN A 53 18.01 7.87 -18.19
N PRO A 54 18.32 8.44 -19.38
CA PRO A 54 17.55 9.57 -19.89
C PRO A 54 16.10 9.28 -20.33
N TRP A 55 15.70 8.00 -20.37
CA TRP A 55 14.30 7.55 -20.64
C TRP A 55 13.43 7.66 -19.37
N LEU A 56 14.00 7.93 -18.19
CA LEU A 56 13.14 8.05 -16.98
C LEU A 56 12.26 9.30 -17.08
N PHE A 57 11.09 9.27 -16.46
CA PHE A 57 10.18 10.45 -16.44
C PHE A 57 9.63 10.64 -15.02
N ASP A 58 9.42 11.89 -14.65
CA ASP A 58 8.78 12.24 -13.36
C ASP A 58 7.27 11.89 -13.48
N ALA A 59 6.60 11.79 -12.34
CA ALA A 59 5.12 11.66 -12.28
C ALA A 59 4.68 12.25 -10.94
N PRO A 60 3.53 12.92 -10.89
CA PRO A 60 2.97 13.37 -9.60
C PRO A 60 2.45 12.15 -8.82
N LYS A 61 2.39 12.35 -7.51
CA LYS A 61 1.88 11.33 -6.59
C LYS A 61 1.10 12.02 -5.46
N PHE A 62 0.23 11.27 -4.77
CA PHE A 62 -0.38 11.79 -3.51
C PHE A 62 0.64 11.61 -2.38
N ARG A 63 0.69 12.60 -1.49
CA ARG A 63 1.46 12.52 -0.21
C ARG A 63 0.51 12.26 0.95
N LEU A 64 0.80 11.27 1.79
CA LEU A 64 0.07 11.10 3.08
C LEU A 64 0.67 11.99 4.15
N HIS A 65 -0.12 12.91 4.71
CA HIS A 65 0.26 13.68 5.91
C HIS A 65 -0.18 12.95 7.19
N SER A 66 -1.43 12.50 7.25
CA SER A 66 -2.04 11.90 8.47
C SER A 66 -3.42 11.36 8.14
N ALA A 67 -3.98 10.53 9.04
CA ALA A 67 -5.29 9.87 8.83
C ALA A 67 -5.99 9.75 10.20
N THR A 68 -7.11 10.46 10.43
CA THR A 68 -7.80 10.49 11.75
C THR A 68 -9.11 9.70 11.66
N LEU A 69 -9.24 8.67 12.52
CA LEU A 69 -10.49 7.87 12.62
C LEU A 69 -11.49 8.55 13.57
N ALA A 70 -12.78 8.53 13.19
CA ALA A 70 -13.90 8.98 14.05
C ALA A 70 -13.97 8.08 15.29
N PRO A 71 -14.67 8.53 16.35
CA PRO A 71 -14.99 7.65 17.48
C PRO A 71 -15.70 6.39 16.96
N ILE A 72 -15.31 5.21 17.45
CA ILE A 72 -15.90 3.94 16.91
C ILE A 72 -17.40 3.93 17.23
N GLY A 73 -18.18 3.39 16.28
CA GLY A 73 -19.64 3.24 16.43
C GLY A 73 -20.42 4.48 16.04
N SER A 74 -19.75 5.55 15.61
CA SER A 74 -20.38 6.87 15.30
C SER A 74 -21.08 6.83 13.93
N ARG A 75 -22.00 7.77 13.72
CA ARG A 75 -22.66 8.00 12.41
C ARG A 75 -21.79 8.97 11.61
N GLY A 76 -22.07 9.06 10.31
CA GLY A 76 -21.34 9.98 9.44
C GLY A 76 -20.00 9.38 8.99
N PRO A 77 -19.19 10.19 8.29
CA PRO A 77 -17.88 9.75 7.80
C PRO A 77 -16.99 9.26 8.94
N GLN A 78 -16.31 8.18 8.64
CA GLN A 78 -15.51 7.46 9.69
C GLN A 78 -14.02 7.75 9.59
N LEU A 79 -13.52 8.30 8.49
CA LEU A 79 -12.05 8.54 8.40
C LEU A 79 -11.83 9.85 7.68
N LEU A 80 -10.86 10.62 8.11
CA LEU A 80 -10.37 11.81 7.36
C LEU A 80 -8.92 11.57 6.94
N LEU A 81 -8.67 11.52 5.64
CA LEU A 81 -7.29 11.42 5.06
C LEU A 81 -6.81 12.83 4.74
N ARG A 82 -5.71 13.25 5.34
CA ARG A 82 -5.04 14.52 5.02
C ARG A 82 -3.95 14.25 4.00
N LEU A 83 -4.11 14.80 2.79
CA LEU A 83 -3.23 14.50 1.64
C LEU A 83 -2.62 15.80 1.09
N GLY A 84 -1.39 15.73 0.63
CA GLY A 84 -0.80 16.75 -0.26
C GLY A 84 -0.33 16.15 -1.54
N LEU A 85 0.53 16.88 -2.25
CA LEU A 85 1.08 16.38 -3.54
C LEU A 85 2.60 16.25 -3.40
N THR A 86 3.15 15.25 -4.07
CA THR A 86 4.60 14.97 -4.19
C THR A 86 4.88 14.43 -5.59
N SER A 87 6.02 13.76 -5.78
CA SER A 87 6.45 13.27 -7.10
C SER A 87 7.45 12.17 -6.95
N TYR A 88 7.61 11.44 -8.05
CA TYR A 88 8.65 10.39 -8.12
C TYR A 88 10.03 11.04 -7.92
N ARG A 89 10.30 12.18 -8.55
CA ARG A 89 11.59 12.92 -8.38
C ARG A 89 11.86 13.28 -6.91
N ASP A 90 10.86 13.75 -6.20
CA ASP A 90 11.00 14.14 -4.77
C ASP A 90 11.24 12.88 -3.93
N PHE A 91 10.57 11.76 -4.25
CA PHE A 91 10.82 10.46 -3.55
C PHE A 91 12.32 10.07 -3.70
N LEU A 92 12.84 10.10 -4.93
CA LEU A 92 14.23 9.62 -5.21
C LEU A 92 15.21 10.52 -4.46
N GLY A 93 14.87 11.80 -4.28
CA GLY A 93 15.76 12.75 -3.58
C GLY A 93 15.61 12.78 -2.05
N THR A 94 14.66 12.06 -1.45
CA THR A 94 14.37 12.13 0.01
C THR A 94 14.29 10.72 0.59
N ASN A 95 13.14 10.02 0.48
CA ASN A 95 12.99 8.65 1.04
C ASN A 95 14.08 7.67 0.55
N TRP A 96 14.46 7.76 -0.72
CA TRP A 96 15.40 6.80 -1.38
C TRP A 96 16.84 7.29 -1.18
N SER A 97 17.07 8.51 -0.69
CA SER A 97 18.45 9.09 -0.49
C SER A 97 19.20 8.32 0.59
N SER A 98 20.54 8.24 0.44
CA SER A 98 21.42 7.60 1.44
C SER A 98 21.28 8.35 2.78
N SER A 99 20.91 9.64 2.72
N SER A 99 20.96 9.65 2.74
CA SER A 99 20.84 10.56 3.89
CA SER A 99 20.88 10.50 3.97
C SER A 99 19.43 10.61 4.50
C SER A 99 19.42 10.65 4.45
N ALA A 100 18.52 9.72 4.10
CA ALA A 100 17.09 9.81 4.51
C ALA A 100 16.98 9.87 6.05
N ALA A 101 17.82 9.13 6.78
CA ALA A 101 17.73 9.09 8.26
C ALA A 101 18.10 10.47 8.82
N TRP A 102 19.03 11.19 8.19
CA TRP A 102 19.45 12.55 8.62
C TRP A 102 18.26 13.49 8.42
N LEU A 103 17.54 13.33 7.31
CA LEU A 103 16.33 14.14 7.01
C LEU A 103 15.24 13.90 8.07
N ARG A 104 15.07 12.65 8.52
CA ARG A 104 14.11 12.29 9.59
C ARG A 104 14.49 12.96 10.91
N GLN A 105 15.77 12.95 11.30
CA GLN A 105 16.25 13.63 12.56
C GLN A 105 16.02 15.15 12.48
N GLN A 106 16.35 15.77 11.34
N GLN A 106 16.33 15.78 11.33
CA GLN A 106 16.21 17.24 11.12
CA GLN A 106 16.22 17.23 11.13
C GLN A 106 14.73 17.63 11.19
C GLN A 106 14.73 17.64 11.16
N GLY A 107 13.83 16.79 10.63
CA GLY A 107 12.38 17.08 10.67
C GLY A 107 11.85 17.00 12.10
N ALA A 108 12.36 16.09 12.93
CA ALA A 108 12.04 16.04 14.36
C ALA A 108 12.51 17.33 15.05
N THR A 109 13.75 17.75 14.83
CA THR A 109 14.34 19.00 15.40
C THR A 109 13.50 20.21 14.98
N ASP A 110 13.31 20.42 13.68
CA ASP A 110 12.78 21.67 13.12
C ASP A 110 11.26 21.78 13.28
N TRP A 111 10.50 20.70 13.09
CA TRP A 111 9.03 20.71 12.91
C TRP A 111 8.31 19.78 13.90
N GLY A 112 9.03 19.07 14.74
CA GLY A 112 8.47 17.97 15.58
C GLY A 112 7.73 16.91 14.76
N ASP A 113 8.33 16.52 13.64
CA ASP A 113 7.69 15.64 12.63
C ASP A 113 8.79 14.95 11.82
N THR A 114 9.03 13.68 12.12
CA THR A 114 10.11 12.89 11.47
C THR A 114 9.89 12.86 9.94
N GLN A 115 8.67 13.05 9.45
CA GLN A 115 8.39 12.94 7.99
C GLN A 115 8.40 14.34 7.29
N ALA A 116 8.66 15.47 7.98
CA ALA A 116 8.39 16.80 7.39
C ALA A 116 9.20 17.03 6.12
N TYR A 117 10.41 16.48 6.00
CA TYR A 117 11.33 16.71 4.85
C TYR A 117 11.26 15.54 3.84
N LEU A 118 10.32 14.59 4.03
CA LEU A 118 10.19 13.35 3.18
C LEU A 118 9.00 13.46 2.21
N ALA A 119 9.21 13.01 0.97
CA ALA A 119 8.17 12.99 -0.07
C ALA A 119 6.97 12.15 0.42
N ASP A 120 7.19 10.94 0.94
CA ASP A 120 6.14 10.05 1.50
C ASP A 120 4.99 9.91 0.48
N PRO A 121 5.25 9.48 -0.77
CA PRO A 121 4.15 9.12 -1.68
C PRO A 121 3.25 7.98 -1.14
N LEU A 122 1.93 8.09 -1.32
CA LEU A 122 0.99 7.06 -0.80
C LEU A 122 0.90 5.90 -1.79
N GLY A 123 1.27 4.69 -1.37
CA GLY A 123 0.97 3.50 -2.19
C GLY A 123 -0.37 2.87 -1.88
N VAL A 124 -0.79 1.94 -2.73
CA VAL A 124 -2.00 1.10 -2.46
C VAL A 124 -1.60 -0.37 -2.66
N GLY A 125 -2.16 -1.25 -1.85
CA GLY A 125 -1.98 -2.71 -1.99
C GLY A 125 -3.24 -3.46 -1.68
N ALA A 126 -3.37 -4.71 -2.16
CA ALA A 126 -4.58 -5.48 -1.88
C ALA A 126 -4.23 -6.86 -1.31
N ALA A 127 -5.01 -7.26 -0.30
CA ALA A 127 -5.30 -8.65 0.06
C ALA A 127 -6.42 -9.09 -0.88
N LEU A 128 -6.03 -9.84 -1.92
CA LEU A 128 -6.96 -10.25 -3.01
C LEU A 128 -7.36 -11.72 -2.80
N ALA A 129 -8.63 -12.00 -2.47
CA ALA A 129 -9.13 -13.35 -2.13
C ALA A 129 -9.83 -13.95 -3.35
N THR A 130 -9.61 -15.22 -3.60
CA THR A 130 -10.31 -15.99 -4.67
C THR A 130 -11.62 -16.62 -4.15
N ALA A 131 -12.43 -17.14 -5.08
CA ALA A 131 -13.74 -17.74 -4.75
C ALA A 131 -13.54 -19.00 -3.91
N ASP A 132 -12.38 -19.68 -4.02
CA ASP A 132 -12.01 -20.94 -3.30
C ASP A 132 -11.12 -20.67 -2.07
N ASP A 133 -11.12 -19.42 -1.60
N ASP A 133 -11.04 -19.41 -1.63
CA ASP A 133 -10.54 -18.96 -0.30
CA ASP A 133 -10.53 -19.07 -0.27
C ASP A 133 -9.02 -19.17 -0.31
C ASP A 133 -9.00 -19.03 -0.21
N PHE A 134 -8.35 -18.49 -1.24
CA PHE A 134 -6.87 -18.27 -1.23
C PHE A 134 -6.61 -16.77 -1.32
N LEU A 135 -5.49 -16.29 -0.80
CA LEU A 135 -4.93 -14.97 -1.14
C LEU A 135 -3.89 -15.10 -2.26
N VAL A 136 -3.76 -14.03 -3.05
CA VAL A 136 -2.88 -13.92 -4.25
C VAL A 136 -1.53 -13.26 -3.93
N PHE A 137 -0.40 -13.91 -4.29
CA PHE A 137 0.97 -13.38 -4.12
C PHE A 137 1.68 -13.30 -5.50
N LEU A 138 2.62 -12.38 -5.61
CA LEU A 138 3.41 -12.11 -6.86
C LEU A 138 4.89 -12.12 -6.53
N ARG A 139 5.72 -12.71 -7.39
CA ARG A 139 7.21 -12.72 -7.16
C ARG A 139 7.83 -11.56 -7.92
N ARG A 140 8.66 -10.75 -7.26
CA ARG A 140 9.33 -9.57 -7.84
C ARG A 140 10.55 -10.07 -8.63
N SER A 141 10.78 -9.49 -9.79
CA SER A 141 12.06 -9.59 -10.54
C SER A 141 13.25 -9.40 -9.60
N ARG A 142 14.35 -10.12 -9.86
CA ARG A 142 15.64 -10.00 -9.12
C ARG A 142 16.47 -8.87 -9.74
N GLN A 143 15.99 -8.19 -10.77
CA GLN A 143 16.75 -7.14 -11.51
C GLN A 143 16.22 -5.72 -11.23
N VAL A 144 15.13 -5.54 -10.46
CA VAL A 144 14.59 -4.17 -10.15
C VAL A 144 15.36 -3.59 -8.95
N ALA A 145 15.23 -2.28 -8.70
CA ALA A 145 15.96 -1.54 -7.66
C ALA A 145 15.37 -1.77 -6.27
N GLU A 146 14.04 -1.83 -6.16
CA GLU A 146 13.31 -1.91 -4.87
C GLU A 146 12.91 -3.36 -4.56
N ALA A 147 13.33 -3.87 -3.40
CA ALA A 147 12.93 -5.19 -2.87
C ALA A 147 13.12 -6.26 -3.96
N PRO A 148 14.30 -6.36 -4.61
CA PRO A 148 14.50 -7.38 -5.64
C PRO A 148 14.29 -8.81 -5.14
N GLY A 149 13.59 -9.60 -5.95
CA GLY A 149 13.40 -11.03 -5.73
C GLY A 149 12.44 -11.36 -4.59
N LEU A 150 11.80 -10.34 -4.00
CA LEU A 150 10.94 -10.60 -2.82
C LEU A 150 9.49 -10.86 -3.28
N VAL A 151 8.69 -11.41 -2.37
CA VAL A 151 7.24 -11.65 -2.61
C VAL A 151 6.45 -10.34 -2.39
N ASP A 152 5.48 -10.04 -3.25
CA ASP A 152 4.61 -8.85 -3.06
C ASP A 152 3.13 -9.28 -3.16
N VAL A 153 2.24 -8.33 -2.94
CA VAL A 153 0.79 -8.47 -3.26
C VAL A 153 0.51 -7.49 -4.39
N PRO A 154 -0.66 -7.55 -5.09
CA PRO A 154 -1.00 -6.55 -6.09
C PRO A 154 -1.07 -5.12 -5.52
N GLY A 155 -0.62 -4.15 -6.31
CA GLY A 155 -0.70 -2.73 -5.91
C GLY A 155 0.17 -1.84 -6.74
N GLY A 156 0.36 -0.59 -6.31
CA GLY A 156 1.10 0.41 -7.08
C GLY A 156 1.01 1.77 -6.39
N HIS A 157 1.46 2.85 -7.06
CA HIS A 157 1.53 4.20 -6.45
C HIS A 157 0.72 5.13 -7.34
N PRO A 158 -0.57 5.43 -7.02
CA PRO A 158 -1.47 6.15 -7.93
C PRO A 158 -1.10 7.61 -8.23
N GLU A 159 -1.41 8.06 -9.45
CA GLU A 159 -1.08 9.39 -10.02
C GLU A 159 -2.34 10.26 -10.01
N PRO A 160 -2.32 11.44 -9.34
CA PRO A 160 -3.33 12.49 -9.41
C PRO A 160 -3.81 12.90 -10.82
N GLN A 161 -5.12 13.20 -10.97
CA GLN A 161 -5.93 13.16 -12.24
C GLN A 161 -5.16 12.44 -13.35
N ASP A 173 -14.95 18.36 1.35
CA ASP A 173 -14.84 17.04 0.69
C ASP A 173 -15.15 17.19 -0.81
N LEU A 174 -14.91 18.37 -1.41
CA LEU A 174 -15.50 18.68 -2.74
C LEU A 174 -14.51 18.50 -3.89
N ALA A 175 -13.20 18.60 -3.67
CA ALA A 175 -12.18 17.89 -4.48
C ALA A 175 -11.87 16.54 -3.82
N GLY A 176 -12.11 16.44 -2.48
CA GLY A 176 -11.95 15.26 -1.61
C GLY A 176 -12.56 13.98 -2.17
N GLN A 177 -13.82 14.01 -2.59
CA GLN A 177 -14.55 12.77 -2.96
C GLN A 177 -13.99 12.25 -4.28
N LEU A 178 -13.47 13.14 -5.14
CA LEU A 178 -12.87 12.64 -6.40
C LEU A 178 -11.54 11.98 -6.07
N VAL A 179 -10.80 12.50 -5.08
CA VAL A 179 -9.51 11.89 -4.67
C VAL A 179 -9.77 10.50 -4.05
N VAL A 180 -10.72 10.38 -3.15
CA VAL A 180 -11.07 9.05 -2.55
C VAL A 180 -11.46 8.10 -3.68
N HIS A 181 -12.28 8.53 -4.66
CA HIS A 181 -12.66 7.68 -5.82
C HIS A 181 -11.40 7.18 -6.56
N GLU A 182 -10.43 8.06 -6.81
N GLU A 182 -10.45 8.08 -6.79
CA GLU A 182 -9.20 7.68 -7.56
CA GLU A 182 -9.18 7.79 -7.50
C GLU A 182 -8.40 6.65 -6.74
C GLU A 182 -8.43 6.69 -6.75
N LEU A 183 -8.34 6.78 -5.42
CA LEU A 183 -7.61 5.78 -4.59
C LEU A 183 -8.25 4.39 -4.73
N PHE A 184 -9.56 4.27 -4.52
CA PHE A 184 -10.28 2.97 -4.67
C PHE A 184 -10.18 2.42 -6.11
N SER A 185 -10.42 3.27 -7.12
N SER A 185 -10.39 3.26 -7.13
CA SER A 185 -10.31 2.89 -8.56
CA SER A 185 -10.34 2.82 -8.54
C SER A 185 -8.92 2.33 -8.85
C SER A 185 -8.91 2.37 -8.92
N SER A 186 -7.88 2.98 -8.32
CA SER A 186 -6.47 2.64 -8.60
C SER A 186 -6.15 1.22 -8.15
N VAL A 187 -6.67 0.77 -7.00
CA VAL A 187 -6.30 -0.61 -6.56
C VAL A 187 -6.94 -1.64 -7.51
N LEU A 188 -8.17 -1.39 -8.01
CA LEU A 188 -8.76 -2.32 -9.02
C LEU A 188 -7.97 -2.28 -10.33
N GLN A 189 -7.63 -1.07 -10.81
CA GLN A 189 -6.89 -0.91 -12.09
C GLN A 189 -5.57 -1.67 -11.98
N GLU A 190 -4.88 -1.59 -10.82
CA GLU A 190 -3.55 -2.26 -10.58
C GLU A 190 -3.76 -3.79 -10.64
N ILE A 191 -4.84 -4.32 -10.07
CA ILE A 191 -5.17 -5.77 -10.17
C ILE A 191 -5.44 -6.15 -11.63
N CYS A 192 -6.26 -5.39 -12.36
CA CYS A 192 -6.52 -5.69 -13.80
C CYS A 192 -5.20 -5.63 -14.60
N ASP A 193 -4.36 -4.62 -14.42
CA ASP A 193 -3.12 -4.46 -15.25
C ASP A 193 -2.08 -5.55 -14.96
N GLU A 194 -1.90 -5.96 -13.72
CA GLU A 194 -0.81 -6.91 -13.36
C GLU A 194 -1.31 -8.35 -13.32
N VAL A 195 -2.52 -8.62 -12.81
CA VAL A 195 -3.01 -10.02 -12.69
C VAL A 195 -3.79 -10.38 -13.96
N ASN A 196 -4.22 -9.42 -14.77
CA ASN A 196 -4.93 -9.64 -16.05
C ASN A 196 -6.34 -10.18 -15.79
N LEU A 197 -6.98 -9.72 -14.72
CA LEU A 197 -8.34 -10.15 -14.34
C LEU A 197 -9.34 -9.18 -14.95
N PRO A 198 -10.52 -9.67 -15.40
CA PRO A 198 -11.59 -8.78 -15.80
C PRO A 198 -12.08 -7.95 -14.60
N LEU A 199 -12.33 -6.67 -14.82
CA LEU A 199 -12.84 -5.73 -13.77
C LEU A 199 -14.14 -6.25 -13.18
N LEU A 200 -15.04 -6.86 -13.98
CA LEU A 200 -16.34 -7.37 -13.46
C LEU A 200 -16.22 -8.60 -12.58
N THR A 201 -15.04 -9.21 -12.41
CA THR A 201 -14.83 -10.34 -11.47
C THR A 201 -14.43 -9.81 -10.07
N LEU A 202 -14.28 -8.49 -9.89
CA LEU A 202 -13.78 -7.87 -8.62
C LEU A 202 -14.86 -7.12 -7.83
N SER A 203 -14.91 -7.30 -6.51
CA SER A 203 -15.79 -6.58 -5.56
C SER A 203 -15.33 -5.12 -5.39
N GLN A 204 -16.20 -4.22 -4.93
CA GLN A 204 -15.74 -2.88 -4.51
C GLN A 204 -14.74 -3.08 -3.36
N PRO A 205 -13.60 -2.38 -3.33
CA PRO A 205 -12.61 -2.57 -2.25
C PRO A 205 -13.10 -2.07 -0.88
N LEU A 206 -12.64 -2.71 0.20
CA LEU A 206 -12.74 -2.12 1.56
C LEU A 206 -11.35 -1.70 2.03
N LEU A 207 -11.22 -0.53 2.63
CA LEU A 207 -9.94 -0.11 3.22
C LEU A 207 -9.74 -0.85 4.56
N LEU A 208 -8.65 -1.63 4.69
CA LEU A 208 -8.31 -2.33 5.96
C LEU A 208 -7.52 -1.43 6.91
N GLY A 209 -6.62 -0.60 6.41
CA GLY A 209 -5.77 0.28 7.25
C GLY A 209 -4.65 0.89 6.43
N ILE A 210 -3.67 1.45 7.14
CA ILE A 210 -2.46 2.08 6.53
C ILE A 210 -1.24 1.53 7.28
N ALA A 211 -0.23 1.11 6.52
CA ALA A 211 1.03 0.54 7.04
C ALA A 211 2.17 1.41 6.54
N ARG A 212 3.24 1.58 7.35
CA ARG A 212 4.47 2.32 6.94
C ARG A 212 5.64 1.34 6.73
N ASN A 213 6.46 1.61 5.73
CA ASN A 213 7.71 0.87 5.35
C ASN A 213 8.89 1.63 5.93
N GLU A 214 9.40 1.19 7.07
CA GLU A 214 10.54 1.80 7.80
C GLU A 214 11.87 1.56 7.03
N THR A 215 11.91 0.64 6.07
CA THR A 215 13.12 0.45 5.22
C THR A 215 13.17 1.53 4.12
N SER A 216 12.06 2.19 3.86
CA SER A 216 11.91 3.31 2.88
C SER A 216 11.59 4.62 3.63
N ALA A 217 12.16 4.81 4.84
CA ALA A 217 12.10 6.06 5.66
C ALA A 217 10.66 6.42 6.02
N GLY A 218 9.78 5.43 6.12
CA GLY A 218 8.43 5.64 6.68
C GLY A 218 7.38 5.91 5.62
N ARG A 219 7.65 5.67 4.32
CA ARG A 219 6.55 5.91 3.33
C ARG A 219 5.41 4.88 3.53
N ALA A 220 4.17 5.36 3.39
CA ALA A 220 2.96 4.63 3.80
C ALA A 220 2.22 4.07 2.56
N SER A 221 1.47 3.00 2.77
CA SER A 221 0.58 2.38 1.79
C SER A 221 -0.79 2.14 2.44
N ALA A 222 -1.86 2.52 1.73
CA ALA A 222 -3.23 2.10 2.07
C ALA A 222 -3.42 0.65 1.64
N GLU A 223 -3.88 -0.24 2.54
CA GLU A 223 -4.07 -1.67 2.26
C GLU A 223 -5.56 -2.01 2.23
N PHE A 224 -6.01 -2.66 1.15
CA PHE A 224 -7.44 -2.89 0.83
C PHE A 224 -7.71 -4.40 0.76
N TYR A 225 -8.95 -4.81 1.04
CA TYR A 225 -9.45 -6.18 0.80
C TYR A 225 -10.31 -6.14 -0.47
N VAL A 226 -10.05 -7.07 -1.37
CA VAL A 226 -10.81 -7.22 -2.64
C VAL A 226 -11.13 -8.71 -2.82
N GLN A 227 -12.37 -9.02 -3.14
N GLN A 227 -12.39 -9.04 -3.09
CA GLN A 227 -12.82 -10.41 -3.39
CA GLN A 227 -12.82 -10.43 -3.38
C GLN A 227 -12.97 -10.60 -4.90
C GLN A 227 -12.92 -10.59 -4.90
N CYS A 228 -12.56 -11.77 -5.40
CA CYS A 228 -12.69 -12.14 -6.83
C CYS A 228 -13.66 -13.32 -6.92
N SER A 229 -14.47 -13.32 -7.96
CA SER A 229 -15.48 -14.39 -8.19
C SER A 229 -14.85 -15.60 -8.91
N LEU A 230 -13.57 -15.52 -9.32
CA LEU A 230 -12.84 -16.65 -9.95
C LEU A 230 -12.09 -17.47 -8.88
N THR A 231 -11.95 -18.77 -9.12
CA THR A 231 -11.07 -19.66 -8.33
C THR A 231 -9.59 -19.38 -8.61
N SER A 232 -8.72 -19.83 -7.71
CA SER A 232 -7.24 -19.77 -7.82
C SER A 232 -6.81 -20.30 -9.22
N GLU A 233 -7.38 -21.43 -9.68
CA GLU A 233 -6.99 -22.04 -10.97
C GLU A 233 -7.31 -21.06 -12.11
N GLN A 234 -8.48 -20.44 -12.05
CA GLN A 234 -8.92 -19.48 -13.08
C GLN A 234 -8.05 -18.21 -13.02
N VAL A 235 -7.75 -17.70 -11.81
CA VAL A 235 -6.85 -16.51 -11.65
C VAL A 235 -5.47 -16.78 -12.28
N ARG A 236 -4.87 -17.94 -12.00
CA ARG A 236 -3.59 -18.38 -12.59
C ARG A 236 -3.68 -18.33 -14.12
N LYS A 237 -4.72 -18.92 -14.71
CA LYS A 237 -4.88 -18.99 -16.19
C LYS A 237 -4.86 -17.55 -16.77
N HIS A 238 -5.62 -16.63 -16.15
CA HIS A 238 -5.70 -15.23 -16.63
C HIS A 238 -4.30 -14.58 -16.57
N TYR A 239 -3.62 -14.68 -15.43
CA TYR A 239 -2.27 -14.10 -15.24
C TYR A 239 -1.37 -14.63 -16.36
N LEU A 240 -1.36 -15.95 -16.53
CA LEU A 240 -0.32 -16.58 -17.41
C LEU A 240 -0.61 -16.27 -18.87
N SER A 241 -1.88 -16.10 -19.25
CA SER A 241 -2.34 -15.99 -20.67
C SER A 241 -2.00 -14.60 -21.23
N GLY A 242 -1.56 -13.68 -20.35
CA GLY A 242 -0.97 -12.41 -20.79
C GLY A 242 0.43 -12.61 -21.37
N GLY A 243 1.15 -13.63 -20.94
CA GLY A 243 2.54 -13.85 -21.42
C GLY A 243 3.51 -13.00 -20.62
N PRO A 244 4.83 -13.20 -20.77
CA PRO A 244 5.82 -12.49 -19.95
C PRO A 244 5.74 -10.96 -19.98
N GLU A 245 5.27 -10.35 -21.09
CA GLU A 245 5.18 -8.86 -21.25
C GLU A 245 3.89 -8.27 -20.66
N ALA A 246 2.97 -9.08 -20.18
CA ALA A 246 1.69 -8.57 -19.63
C ALA A 246 1.81 -8.29 -18.11
N HIS A 247 2.96 -8.57 -17.49
CA HIS A 247 3.14 -8.38 -16.01
C HIS A 247 4.60 -8.04 -15.68
N GLU A 248 4.83 -7.23 -14.64
CA GLU A 248 6.17 -6.82 -14.16
C GLU A 248 6.73 -7.94 -13.27
N SER A 249 5.85 -8.67 -12.58
CA SER A 249 6.22 -9.82 -11.71
C SER A 249 6.73 -11.00 -12.57
N THR A 250 7.44 -11.97 -11.95
CA THR A 250 7.98 -13.16 -12.66
C THR A 250 7.17 -14.43 -12.35
N GLY A 251 6.19 -14.38 -11.44
CA GLY A 251 5.35 -15.53 -11.10
C GLY A 251 4.21 -15.12 -10.19
N ILE A 252 3.19 -15.98 -10.13
CA ILE A 252 1.99 -15.86 -9.24
C ILE A 252 1.91 -17.11 -8.37
N PHE A 253 1.38 -16.98 -7.17
CA PHE A 253 1.08 -18.16 -6.32
C PHE A 253 0.00 -17.83 -5.30
N PHE A 254 -0.52 -18.85 -4.62
CA PHE A 254 -1.74 -18.75 -3.76
C PHE A 254 -1.50 -19.42 -2.40
N VAL A 255 -1.98 -18.78 -1.32
CA VAL A 255 -1.94 -19.38 0.05
C VAL A 255 -3.36 -19.45 0.61
N GLU A 256 -3.78 -20.58 1.16
CA GLU A 256 -5.16 -20.71 1.68
C GLU A 256 -5.36 -19.65 2.77
N THR A 257 -6.56 -19.02 2.90
CA THR A 257 -6.76 -18.02 3.97
C THR A 257 -6.58 -18.70 5.34
N GLN A 258 -6.91 -19.99 5.43
CA GLN A 258 -6.62 -20.82 6.63
C GLN A 258 -5.19 -20.60 7.13
N ASN A 259 -4.23 -20.63 6.21
CA ASN A 259 -2.77 -20.69 6.47
C ASN A 259 -2.17 -19.26 6.54
N VAL A 260 -2.86 -18.23 6.02
CA VAL A 260 -2.42 -16.82 6.19
C VAL A 260 -2.38 -16.40 7.66
N ARG A 261 -3.28 -16.94 8.51
CA ARG A 261 -3.30 -16.70 9.96
C ARG A 261 -1.90 -16.87 10.58
N ARG A 262 -1.13 -17.90 10.21
CA ARG A 262 0.20 -18.21 10.83
C ARG A 262 1.35 -17.82 9.88
N LEU A 263 1.10 -17.05 8.84
CA LEU A 263 2.20 -16.73 7.88
C LEU A 263 3.45 -16.13 8.57
N PRO A 264 3.35 -15.25 9.58
CA PRO A 264 4.57 -14.71 10.21
C PRO A 264 5.49 -15.76 10.88
N GLU A 265 4.96 -16.97 11.11
CA GLU A 265 5.75 -18.11 11.68
C GLU A 265 6.35 -18.98 10.56
N THR A 266 6.12 -18.66 9.28
CA THR A 266 6.56 -19.47 8.13
C THR A 266 7.88 -18.91 7.57
N GLU A 267 8.58 -19.71 6.76
CA GLU A 267 9.83 -19.27 6.08
C GLU A 267 9.48 -18.26 4.99
N MET A 268 8.21 -18.20 4.56
CA MET A 268 7.75 -17.22 3.53
C MET A 268 7.91 -15.78 4.08
N TRP A 269 7.73 -15.58 5.39
CA TRP A 269 7.67 -14.21 6.00
C TRP A 269 8.96 -13.44 5.68
N ALA A 270 10.13 -14.10 5.76
CA ALA A 270 11.44 -13.48 5.43
C ALA A 270 11.57 -13.06 3.96
N GLU A 271 10.73 -13.56 3.04
CA GLU A 271 10.80 -13.21 1.62
C GLU A 271 9.78 -12.14 1.28
N LEU A 272 8.87 -11.76 2.20
CA LEU A 272 7.83 -10.73 1.92
C LEU A 272 8.41 -9.32 2.03
N CYS A 273 8.18 -8.48 1.03
CA CYS A 273 8.51 -7.05 1.12
C CYS A 273 7.65 -6.37 2.18
N PRO A 274 8.13 -5.25 2.79
CA PRO A 274 7.42 -4.60 3.90
C PRO A 274 5.96 -4.24 3.61
N SER A 275 5.63 -3.71 2.43
CA SER A 275 4.24 -3.29 2.17
C SER A 275 3.32 -4.51 2.07
N ALA A 276 3.80 -5.65 1.55
CA ALA A 276 3.02 -6.91 1.57
C ALA A 276 2.87 -7.46 3.00
N LYS A 277 3.89 -7.34 3.85
CA LYS A 277 3.72 -7.70 5.28
C LYS A 277 2.59 -6.86 5.91
N GLY A 278 2.54 -5.54 5.59
CA GLY A 278 1.48 -4.66 6.11
C GLY A 278 0.08 -5.11 5.66
N ALA A 279 -0.09 -5.46 4.36
CA ALA A 279 -1.35 -6.03 3.83
C ALA A 279 -1.76 -7.28 4.64
N ILE A 280 -0.85 -8.21 4.91
CA ILE A 280 -1.22 -9.50 5.56
C ILE A 280 -1.51 -9.29 7.05
N ILE A 281 -0.74 -8.47 7.76
CA ILE A 281 -1.05 -8.14 9.19
C ILE A 281 -2.45 -7.51 9.27
N LEU A 282 -2.75 -6.51 8.40
CA LEU A 282 -4.08 -5.86 8.44
C LEU A 282 -5.20 -6.83 8.01
N TYR A 283 -5.00 -7.72 7.03
CA TYR A 283 -6.00 -8.75 6.68
C TYR A 283 -6.32 -9.61 7.91
N ASN A 284 -5.27 -10.05 8.58
CA ASN A 284 -5.41 -10.96 9.75
C ASN A 284 -6.15 -10.24 10.90
N ARG A 285 -5.86 -8.98 11.17
CA ARG A 285 -6.49 -8.20 12.27
C ARG A 285 -7.94 -7.80 11.96
N VAL A 286 -8.23 -7.38 10.71
CA VAL A 286 -9.49 -6.72 10.32
C VAL A 286 -10.48 -7.69 9.69
N GLN A 287 -10.07 -8.56 8.75
CA GLN A 287 -10.99 -9.57 8.15
C GLN A 287 -10.92 -10.90 8.94
N GLY A 288 -9.75 -11.34 9.36
CA GLY A 288 -9.61 -12.48 10.29
C GLY A 288 -10.01 -12.03 11.70
N SER A 289 -9.60 -12.76 12.73
CA SER A 289 -9.78 -12.40 14.17
C SER A 289 -11.27 -12.17 14.46
N PRO A 290 -12.13 -13.22 14.42
CA PRO A 290 -13.56 -13.05 14.63
C PRO A 290 -13.88 -12.60 16.07
N THR A 291 -15.00 -11.90 16.24
CA THR A 291 -15.43 -11.27 17.51
C THR A 291 -16.63 -12.03 18.10
N GLY A 292 -17.30 -12.89 17.33
CA GLY A 292 -18.62 -13.47 17.67
C GLY A 292 -18.48 -14.91 18.17
N ALA A 293 -19.53 -15.42 18.82
CA ALA A 293 -19.54 -16.77 19.47
C ALA A 293 -19.37 -17.87 18.43
N ALA A 294 -20.06 -17.79 17.28
CA ALA A 294 -20.02 -18.81 16.21
C ALA A 294 -18.60 -18.99 15.64
N LEU A 295 -18.04 -17.94 14.99
CA LEU A 295 -16.71 -18.05 14.30
C LEU A 295 -15.57 -18.16 15.31
N GLY A 296 -15.79 -17.74 16.57
CA GLY A 296 -14.78 -17.79 17.65
C GLY A 296 -14.79 -19.11 18.42
N SER A 297 -15.74 -20.02 18.12
CA SER A 297 -15.83 -21.39 18.70
C SER A 297 -14.53 -22.18 18.39
N PRO A 298 -14.00 -23.04 19.31
CA PRO A 298 -12.71 -23.72 19.07
C PRO A 298 -12.55 -24.55 17.78
N ALA A 299 -13.59 -25.23 17.30
CA ALA A 299 -13.47 -26.06 16.06
C ALA A 299 -13.32 -25.13 14.84
N LEU A 300 -13.89 -23.92 14.86
CA LEU A 300 -13.73 -22.94 13.75
C LEU A 300 -12.52 -22.00 13.97
N LEU A 301 -12.08 -21.75 15.20
CA LEU A 301 -10.87 -20.90 15.48
C LEU A 301 -9.94 -21.73 16.35
N PRO A 302 -9.20 -22.69 15.74
CA PRO A 302 -8.36 -23.60 16.52
C PRO A 302 -7.33 -22.84 17.36
N PRO A 303 -7.20 -23.14 18.67
CA PRO A 303 -6.19 -22.48 19.51
C PRO A 303 -4.73 -22.69 19.05
N LEU A 304 -3.97 -21.60 18.97
CA LEU A 304 -2.48 -21.54 18.94
C LEU A 304 -1.96 -21.13 17.55
#